data_3G6M
#
_entry.id   3G6M
#
_cell.length_a   44.161
_cell.length_b   72.038
_cell.length_c   59.298
_cell.angle_alpha   90.00
_cell.angle_beta   91.24
_cell.angle_gamma   90.00
#
_symmetry.space_group_name_H-M   'P 1 21 1'
#
loop_
_entity.id
_entity.type
_entity.pdbx_description
1 polymer Chitinase
2 non-polymer CAFFEINE
3 water water
#
_entity_poly.entity_id   1
_entity_poly.type   'polypeptide(L)'
_entity_poly.pdbx_seq_one_letter_code
;RATPRMEDLASTDLSTRATGSINAVYFTNWGIYGRNFQPADLQASKILHVLYSFMNLRVDGTVYSGDTYADLEKHYSDDS
WNDIGTNAYGCVKQLYKLKKANRSLKIMLSIGGWTWSTNFPAAASTEATRATFAKTAVEFMKDWGFDGIDVDWEYPASET
DANNMVLLLQRVRQELDSYSATYANGYHFQLSIAAPAGPSHYNVLKLAQLGSVLDNINLMAYDYAGSWDSVSGHQTNLYP
STSNPSSTPFSTKAAVDAYIAAGVPASKIILGMPIYGRAFVGTDGPGKPYSTIGEGSWESGIWDYKVLPKAGATVITDSA
AGATYSYDSSSRTMISYDTPDMVRTKVSYAKGLGLGGSMFWEASADKTGSDSLIGTALSSMGSHDSTQNCLSYPNSKFDN
IKNSLS
;
_entity_poly.pdbx_strand_id   A
#
# COMPACT_ATOMS: atom_id res chain seq x y z
N THR A 19 20.84 4.55 1.45
CA THR A 19 21.06 4.66 -0.02
C THR A 19 19.78 4.22 -0.79
N GLY A 20 19.48 4.87 -1.90
CA GLY A 20 18.37 4.45 -2.77
C GLY A 20 16.97 4.92 -2.40
N SER A 21 15.99 4.39 -3.14
CA SER A 21 14.59 4.81 -3.05
C SER A 21 13.68 3.67 -2.63
N ILE A 22 12.57 4.04 -1.98
CA ILE A 22 11.58 3.06 -1.56
C ILE A 22 10.71 2.61 -2.73
N ASN A 23 10.43 1.31 -2.82
CA ASN A 23 9.51 0.74 -3.81
C ASN A 23 8.62 -0.21 -3.01
N ALA A 24 7.47 0.30 -2.59
CA ALA A 24 6.59 -0.42 -1.65
C ALA A 24 5.41 -0.99 -2.41
N VAL A 25 5.07 -2.25 -2.13
CA VAL A 25 4.04 -2.92 -2.91
C VAL A 25 3.05 -3.66 -2.03
N TYR A 26 1.77 -3.39 -2.23
CA TYR A 26 0.70 -4.11 -1.51
C TYR A 26 0.60 -5.52 -2.07
N PHE A 27 0.64 -6.51 -1.17
CA PHE A 27 0.37 -7.89 -1.51
C PHE A 27 -0.81 -8.29 -0.63
N THR A 28 -1.90 -8.67 -1.29
CA THR A 28 -3.13 -9.03 -0.58
C THR A 28 -3.16 -10.53 -0.30
N ASN A 29 -3.58 -10.91 0.90
CA ASN A 29 -3.60 -12.35 1.22
C ASN A 29 -4.69 -13.13 0.48
N TRP A 30 -5.72 -12.43 0.01
CA TRP A 30 -6.76 -13.05 -0.83
C TRP A 30 -6.34 -13.21 -2.29
N GLY A 31 -5.21 -12.59 -2.66
CA GLY A 31 -4.69 -12.76 -4.02
C GLY A 31 -4.26 -14.20 -4.32
N ILE A 32 -4.14 -15.03 -3.29
CA ILE A 32 -3.73 -16.42 -3.49
C ILE A 32 -4.83 -17.35 -4.03
N TYR A 33 -6.09 -16.93 -3.97
CA TYR A 33 -7.24 -17.68 -4.49
C TYR A 33 -7.17 -17.22 -5.94
N GLY A 34 -7.99 -16.31 -6.45
CA GLY A 34 -8.93 -16.58 -7.52
C GLY A 34 -7.96 -15.92 -8.54
N ARG A 35 -7.21 -14.93 -8.04
CA ARG A 35 -6.13 -14.25 -8.77
C ARG A 35 -4.87 -15.12 -8.93
N ASN A 36 -4.80 -16.20 -8.17
CA ASN A 36 -3.67 -17.15 -8.21
C ASN A 36 -2.31 -16.45 -8.16
N PHE A 37 -2.15 -15.56 -7.20
CA PHE A 37 -0.92 -14.81 -7.07
C PHE A 37 -0.27 -15.06 -5.73
N GLN A 38 0.82 -15.82 -5.77
CA GLN A 38 1.53 -16.27 -4.58
C GLN A 38 2.74 -15.37 -4.28
N PRO A 39 3.19 -15.37 -3.02
CA PRO A 39 4.35 -14.53 -2.69
C PRO A 39 5.56 -14.76 -3.59
N ALA A 40 5.82 -16.01 -3.97
CA ALA A 40 6.97 -16.35 -4.84
C ALA A 40 6.96 -15.63 -6.19
N ASP A 41 5.79 -15.13 -6.60
CA ASP A 41 5.65 -14.44 -7.87
C ASP A 41 6.05 -12.95 -7.83
N LEU A 42 6.26 -12.42 -6.63
CA LEU A 42 6.71 -11.03 -6.49
C LEU A 42 8.08 -10.83 -7.11
N GLN A 43 8.32 -9.63 -7.67
CA GLN A 43 9.67 -9.24 -8.07
C GLN A 43 10.42 -8.83 -6.81
N ALA A 44 10.82 -9.84 -6.04
CA ALA A 44 11.36 -9.63 -4.70
C ALA A 44 12.63 -8.78 -4.69
N SER A 45 13.40 -8.84 -5.78
CA SER A 45 14.64 -8.07 -5.86
C SER A 45 14.41 -6.60 -6.24
N LYS A 46 13.16 -6.25 -6.53
CA LYS A 46 12.79 -4.88 -6.96
C LYS A 46 11.90 -4.13 -5.97
N ILE A 47 11.63 -4.76 -4.82
CA ILE A 47 10.68 -4.24 -3.83
C ILE A 47 11.42 -4.05 -2.51
N LEU A 48 11.26 -2.91 -1.85
CA LEU A 48 11.90 -2.81 -0.54
C LEU A 48 10.94 -3.02 0.60
N HIS A 49 9.64 -2.84 0.32
CA HIS A 49 8.61 -3.03 1.34
C HIS A 49 7.43 -3.75 0.74
N VAL A 50 7.09 -4.89 1.32
CA VAL A 50 5.85 -5.58 1.00
C VAL A 50 4.85 -5.19 2.09
N LEU A 51 3.75 -4.59 1.67
CA LEU A 51 2.68 -4.21 2.58
C LEU A 51 1.70 -5.39 2.58
N TYR A 52 1.94 -6.31 3.51
CA TYR A 52 1.17 -7.55 3.59
C TYR A 52 -0.19 -7.28 4.22
N SER A 53 -1.26 -7.49 3.44
CA SER A 53 -2.59 -6.94 3.74
C SER A 53 -3.72 -8.00 3.70
N PHE A 54 -4.73 -7.92 4.59
CA PHE A 54 -4.82 -7.04 5.76
C PHE A 54 -5.06 -7.89 7.00
N MET A 55 -4.63 -7.36 8.15
CA MET A 55 -5.10 -7.82 9.46
C MET A 55 -6.38 -7.06 9.84
N ASN A 56 -7.26 -7.75 10.59
CA ASN A 56 -8.47 -7.10 11.08
C ASN A 56 -8.24 -6.64 12.51
N LEU A 57 -9.21 -5.91 13.07
CA LEU A 57 -9.11 -5.47 14.45
C LEU A 57 -10.47 -5.35 15.14
N ARG A 58 -10.47 -5.54 16.44
CA ARG A 58 -11.67 -5.32 17.25
C ARG A 58 -11.70 -3.90 17.83
N VAL A 59 -12.88 -3.49 18.28
CA VAL A 59 -13.08 -2.21 18.98
C VAL A 59 -12.19 -2.05 20.23
N ASP A 60 -11.81 -3.17 20.85
CA ASP A 60 -10.98 -3.11 22.05
C ASP A 60 -9.50 -3.02 21.72
N GLY A 61 -9.18 -2.93 20.43
CA GLY A 61 -7.80 -2.81 19.97
C GLY A 61 -7.13 -4.09 19.49
N THR A 62 -7.78 -5.23 19.71
CA THR A 62 -7.15 -6.52 19.42
C THR A 62 -7.03 -6.71 17.90
N VAL A 63 -5.78 -6.80 17.43
CA VAL A 63 -5.48 -7.13 16.02
C VAL A 63 -5.55 -8.66 15.85
N TYR A 64 -6.04 -9.12 14.71
CA TYR A 64 -6.12 -10.57 14.46
C TYR A 64 -6.11 -10.91 12.97
N SER A 65 -5.68 -12.13 12.64
CA SER A 65 -5.72 -12.61 11.26
C SER A 65 -7.15 -12.73 10.76
N GLY A 66 -7.40 -12.23 9.55
CA GLY A 66 -8.70 -12.40 8.89
C GLY A 66 -8.75 -13.60 7.97
N ASP A 67 -7.65 -14.35 7.92
CA ASP A 67 -7.53 -15.53 7.06
C ASP A 67 -6.30 -16.31 7.48
N THR A 68 -6.45 -17.18 8.46
CA THR A 68 -5.30 -17.97 8.97
C THR A 68 -4.78 -18.98 7.93
N TYR A 69 -5.65 -19.43 7.03
CA TYR A 69 -5.22 -20.32 5.96
C TYR A 69 -4.20 -19.66 5.05
N ALA A 70 -4.56 -18.47 4.54
CA ALA A 70 -3.67 -17.73 3.66
C ALA A 70 -2.43 -17.27 4.43
N ASP A 71 -2.62 -16.76 5.65
CA ASP A 71 -1.50 -16.21 6.41
C ASP A 71 -0.52 -17.29 6.87
N LEU A 72 -1.05 -18.41 7.39
CA LEU A 72 -0.22 -19.35 8.18
C LEU A 72 -0.29 -20.84 7.84
N GLU A 73 -1.36 -21.29 7.19
CA GLU A 73 -1.62 -22.73 7.15
C GLU A 73 -1.49 -23.39 5.79
N LYS A 74 -1.65 -22.62 4.73
CA LYS A 74 -1.53 -23.15 3.37
C LYS A 74 -0.16 -23.77 3.16
N HIS A 75 -0.14 -25.04 2.74
CA HIS A 75 1.10 -25.73 2.44
C HIS A 75 1.39 -25.65 0.95
N TYR A 76 2.51 -25.03 0.63
CA TYR A 76 3.03 -25.03 -0.73
C TYR A 76 3.77 -26.34 -0.98
N SER A 77 4.16 -26.58 -2.23
CA SER A 77 4.75 -27.86 -2.65
C SER A 77 6.03 -28.22 -1.87
N ASP A 78 6.73 -27.19 -1.40
CA ASP A 78 7.95 -27.30 -0.57
C ASP A 78 7.72 -27.64 0.91
N ASP A 79 6.48 -27.46 1.39
CA ASP A 79 6.17 -27.57 2.82
C ASP A 79 5.87 -28.98 3.29
N SER A 80 6.40 -29.34 4.46
CA SER A 80 6.18 -30.65 5.06
C SER A 80 5.02 -30.66 6.05
N TRP A 81 4.37 -31.82 6.16
CA TRP A 81 3.27 -32.03 7.11
C TRP A 81 3.75 -32.51 8.48
N ASN A 82 5.03 -32.87 8.56
CA ASN A 82 5.54 -33.57 9.72
C ASN A 82 6.74 -32.88 10.37
N ASP A 83 6.80 -31.56 10.24
CA ASP A 83 7.82 -30.77 10.92
C ASP A 83 7.66 -30.87 12.44
N ILE A 84 8.79 -30.77 13.13
CA ILE A 84 8.83 -30.85 14.59
C ILE A 84 8.47 -29.48 15.21
N GLY A 85 7.52 -29.49 16.14
CA GLY A 85 7.07 -28.27 16.84
C GLY A 85 5.92 -27.53 16.18
N THR A 86 5.71 -26.28 16.58
CA THR A 86 4.71 -25.41 15.97
C THR A 86 5.41 -24.55 14.92
N ASN A 87 4.88 -24.57 13.70
CA ASN A 87 5.56 -23.92 12.57
C ASN A 87 4.64 -23.07 11.70
N ALA A 88 5.20 -22.05 11.07
CA ALA A 88 4.45 -21.17 10.17
C ALA A 88 4.56 -21.65 8.73
N TYR A 89 3.43 -21.63 8.03
CA TYR A 89 3.42 -21.95 6.60
C TYR A 89 2.73 -20.78 5.92
N GLY A 90 1.91 -21.06 4.91
CA GLY A 90 1.18 -19.99 4.24
C GLY A 90 2.06 -18.91 3.66
N CYS A 91 1.50 -17.71 3.55
CA CYS A 91 2.23 -16.57 2.97
C CYS A 91 3.38 -16.12 3.86
N VAL A 92 3.20 -16.33 5.17
CA VAL A 92 4.22 -15.92 6.17
C VAL A 92 5.55 -16.61 5.88
N LYS A 93 5.52 -17.93 5.79
CA LYS A 93 6.75 -18.68 5.48
C LYS A 93 7.28 -18.28 4.09
N GLN A 94 6.38 -18.13 3.12
CA GLN A 94 6.78 -17.76 1.76
C GLN A 94 7.50 -16.42 1.71
N LEU A 95 7.00 -15.45 2.48
CA LEU A 95 7.60 -14.13 2.48
C LEU A 95 8.94 -14.16 3.21
N TYR A 96 9.02 -14.91 4.29
CA TYR A 96 10.27 -15.05 5.02
C TYR A 96 11.38 -15.64 4.13
N LYS A 97 11.02 -16.63 3.31
CA LYS A 97 11.92 -17.21 2.33
C LYS A 97 12.49 -16.09 1.46
N LEU A 98 11.61 -15.22 0.98
CA LEU A 98 12.04 -14.10 0.14
C LEU A 98 12.96 -13.13 0.88
N LYS A 99 12.68 -12.89 2.16
CA LYS A 99 13.52 -12.04 3.00
C LYS A 99 14.95 -12.55 3.11
N LYS A 100 15.11 -13.87 3.24
CA LYS A 100 16.44 -14.44 3.31
C LYS A 100 17.25 -14.18 2.03
N ALA A 101 16.56 -14.28 0.90
CA ALA A 101 17.17 -14.19 -0.45
C ALA A 101 17.33 -12.75 -0.96
N ASN A 102 16.66 -11.82 -0.30
CA ASN A 102 16.60 -10.44 -0.73
C ASN A 102 16.66 -9.55 0.49
N ARG A 103 17.87 -9.18 0.89
CA ARG A 103 18.05 -8.47 2.14
C ARG A 103 17.49 -7.05 2.29
N SER A 104 17.18 -6.42 1.16
CA SER A 104 16.53 -5.11 1.19
C SER A 104 15.00 -5.25 1.22
N LEU A 105 14.51 -6.49 1.32
CA LEU A 105 13.06 -6.71 1.29
C LEU A 105 12.51 -6.73 2.71
N LYS A 106 11.82 -5.64 3.09
CA LYS A 106 11.17 -5.55 4.40
C LYS A 106 9.71 -5.96 4.22
N ILE A 107 9.20 -6.74 5.17
CA ILE A 107 7.78 -7.11 5.16
C ILE A 107 7.05 -6.35 6.25
N MET A 108 6.01 -5.62 5.84
CA MET A 108 5.21 -4.79 6.76
C MET A 108 3.86 -5.44 7.01
N LEU A 109 3.45 -5.42 8.27
CA LEU A 109 2.15 -5.96 8.62
C LEU A 109 1.11 -4.86 8.46
N SER A 110 0.31 -4.93 7.38
CA SER A 110 -0.71 -3.90 7.14
C SER A 110 -2.03 -4.23 7.85
N ILE A 111 -2.49 -3.27 8.63
CA ILE A 111 -3.66 -3.47 9.47
C ILE A 111 -4.78 -2.51 9.10
N GLY A 112 -5.98 -3.08 8.90
CA GLY A 112 -7.19 -2.30 8.67
C GLY A 112 -7.57 -2.29 7.21
N GLY A 113 -7.46 -1.12 6.59
CA GLY A 113 -7.78 -0.95 5.18
C GLY A 113 -9.16 -0.39 4.96
N TRP A 114 -9.52 -0.22 3.69
CA TRP A 114 -10.78 0.38 3.30
C TRP A 114 -12.00 -0.28 3.95
N THR A 115 -12.02 -1.61 3.98
CA THR A 115 -13.16 -2.41 4.46
C THR A 115 -13.16 -2.59 5.99
N TRP A 116 -11.97 -2.63 6.60
CA TRP A 116 -11.82 -2.98 8.01
C TRP A 116 -11.33 -1.83 8.90
N SER A 117 -11.80 -0.63 8.58
CA SER A 117 -11.48 0.56 9.37
C SER A 117 -12.56 0.96 10.38
N THR A 118 -13.67 0.23 10.42
CA THR A 118 -14.80 0.63 11.28
C THR A 118 -14.46 0.69 12.76
N ASN A 119 -13.60 -0.22 13.23
CA ASN A 119 -13.24 -0.28 14.65
C ASN A 119 -12.05 0.61 15.07
N PHE A 120 -11.45 1.33 14.10
CA PHE A 120 -10.28 2.14 14.45
C PHE A 120 -10.55 3.24 15.49
N PRO A 121 -11.63 4.03 15.30
CA PRO A 121 -11.97 5.05 16.31
C PRO A 121 -11.99 4.48 17.74
N ALA A 122 -12.70 3.39 17.97
CA ALA A 122 -12.71 2.76 19.28
C ALA A 122 -11.34 2.17 19.66
N ALA A 123 -10.68 1.46 18.74
CA ALA A 123 -9.36 0.88 19.04
C ALA A 123 -8.30 1.92 19.47
N ALA A 124 -8.45 3.15 18.97
CA ALA A 124 -7.52 4.22 19.29
C ALA A 124 -7.98 5.07 20.47
N SER A 125 -9.13 4.73 21.05
CA SER A 125 -9.87 5.64 21.94
C SER A 125 -9.35 5.79 23.37
N THR A 126 -8.75 4.72 23.92
CA THR A 126 -8.24 4.78 25.30
C THR A 126 -6.81 4.28 25.41
N GLU A 127 -6.20 4.56 26.56
CA GLU A 127 -4.86 4.05 26.83
C GLU A 127 -4.84 2.51 26.77
N ALA A 128 -5.93 1.88 27.20
CA ALA A 128 -6.02 0.42 27.26
C ALA A 128 -6.18 -0.17 25.86
N THR A 129 -7.02 0.45 25.04
CA THR A 129 -7.25 -0.09 23.71
C THR A 129 -6.01 0.12 22.84
N ARG A 130 -5.38 1.28 22.98
CA ARG A 130 -4.14 1.56 22.25
C ARG A 130 -3.03 0.58 22.65
N ALA A 131 -2.91 0.32 23.95
CA ALA A 131 -1.93 -0.67 24.42
C ALA A 131 -2.19 -2.05 23.85
N THR A 132 -3.44 -2.49 23.86
CA THR A 132 -3.84 -3.76 23.24
C THR A 132 -3.46 -3.83 21.75
N PHE A 133 -3.77 -2.77 21.01
CA PHE A 133 -3.40 -2.69 19.59
C PHE A 133 -1.88 -2.78 19.41
N ALA A 134 -1.11 -1.99 20.18
CA ALA A 134 0.37 -2.07 20.17
C ALA A 134 0.72 -3.56 20.22
N LYS A 135 0.15 -4.33 21.14
CA LYS A 135 0.92 -5.26 21.94
C LYS A 135 0.61 -6.43 20.96
N THR A 136 -0.65 -6.51 20.51
CA THR A 136 -1.11 -7.59 19.61
C THR A 136 -0.51 -7.46 18.21
N ALA A 137 -0.34 -6.22 17.74
CA ALA A 137 0.28 -5.95 16.44
C ALA A 137 1.74 -6.39 16.42
N VAL A 138 2.49 -5.98 17.45
CA VAL A 138 3.89 -6.36 17.56
C VAL A 138 4.05 -7.86 17.76
N GLU A 139 3.09 -8.48 18.47
CA GLU A 139 3.12 -9.92 18.67
C GLU A 139 3.10 -10.66 17.31
N PHE A 140 2.21 -10.25 16.40
CA PHE A 140 2.20 -10.81 15.05
C PHE A 140 3.52 -10.54 14.33
N MET A 141 3.99 -9.30 14.38
CA MET A 141 5.23 -8.96 13.70
C MET A 141 6.37 -9.88 14.17
N LYS A 142 6.51 -10.05 15.47
CA LYS A 142 7.64 -10.81 16.02
C LYS A 142 7.50 -12.32 15.90
N ASP A 143 6.26 -12.80 15.76
CA ASP A 143 6.00 -14.24 15.53
C ASP A 143 6.16 -14.61 14.06
N TRP A 144 5.70 -13.71 13.19
CA TRP A 144 5.68 -13.94 11.76
C TRP A 144 7.01 -13.60 11.08
N GLY A 145 7.91 -12.91 11.79
CA GLY A 145 9.20 -12.54 11.22
C GLY A 145 9.14 -11.36 10.25
N PHE A 146 8.29 -10.39 10.57
CA PHE A 146 8.10 -9.18 9.76
C PHE A 146 8.96 -8.02 10.26
N ASP A 147 9.09 -6.98 9.44
CA ASP A 147 10.00 -5.86 9.72
C ASP A 147 9.36 -4.59 10.26
N GLY A 148 8.03 -4.53 10.27
CA GLY A 148 7.34 -3.36 10.80
C GLY A 148 5.83 -3.47 10.69
N ILE A 149 5.16 -2.34 10.96
CA ILE A 149 3.71 -2.28 10.98
C ILE A 149 3.24 -1.11 10.15
N ASP A 150 2.19 -1.34 9.37
CA ASP A 150 1.62 -0.30 8.53
C ASP A 150 0.16 -0.18 8.95
N VAL A 151 -0.22 1.01 9.41
CA VAL A 151 -1.57 1.23 9.94
C VAL A 151 -2.39 1.96 8.88
N ASP A 152 -3.46 1.31 8.43
CA ASP A 152 -4.29 1.84 7.35
C ASP A 152 -5.70 2.18 7.84
N TRP A 153 -5.82 3.33 8.51
CA TRP A 153 -7.08 3.79 9.07
C TRP A 153 -7.72 4.73 8.08
N GLU A 154 -8.82 4.28 7.48
CA GLU A 154 -9.51 5.06 6.46
C GLU A 154 -10.94 5.34 6.89
N TYR A 155 -11.20 6.48 7.55
CA TYR A 155 -10.24 7.55 7.89
C TYR A 155 -10.66 8.18 9.23
N PRO A 156 -9.69 8.73 10.00
CA PRO A 156 -10.09 9.56 11.16
C PRO A 156 -11.10 10.63 10.75
N ALA A 157 -12.15 10.78 11.56
CA ALA A 157 -13.24 11.71 11.26
C ALA A 157 -13.14 12.99 12.08
N SER A 158 -12.84 12.87 13.36
CA SER A 158 -12.84 14.01 14.27
C SER A 158 -11.44 14.41 14.72
N GLU A 159 -11.36 15.58 15.34
CA GLU A 159 -10.13 16.04 15.98
C GLU A 159 -9.69 15.01 17.05
N THR A 160 -10.66 14.48 17.79
CA THR A 160 -10.41 13.41 18.77
C THR A 160 -9.74 12.20 18.10
N ASP A 161 -10.33 11.73 17.00
CA ASP A 161 -9.71 10.64 16.21
C ASP A 161 -8.28 10.97 15.76
N ALA A 162 -8.08 12.20 15.26
CA ALA A 162 -6.76 12.61 14.77
C ALA A 162 -5.70 12.56 15.88
N ASN A 163 -6.04 13.11 17.05
CA ASN A 163 -5.18 13.03 18.24
C ASN A 163 -4.96 11.59 18.70
N ASN A 164 -6.04 10.82 18.77
CA ASN A 164 -5.93 9.40 19.11
C ASN A 164 -5.06 8.59 18.16
N MET A 165 -5.07 8.98 16.89
CA MET A 165 -4.24 8.30 15.89
C MET A 165 -2.76 8.46 16.22
N VAL A 166 -2.38 9.68 16.59
CA VAL A 166 -1.01 10.00 16.97
C VAL A 166 -0.65 9.20 18.22
N LEU A 167 -1.52 9.23 19.23
CA LEU A 167 -1.30 8.44 20.45
C LEU A 167 -1.13 6.95 20.17
N LEU A 168 -1.99 6.41 19.31
CA LEU A 168 -1.90 5.01 18.89
C LEU A 168 -0.54 4.70 18.27
N LEU A 169 -0.15 5.51 17.29
CA LEU A 169 1.15 5.31 16.64
C LEU A 169 2.35 5.42 17.58
N GLN A 170 2.31 6.40 18.48
CA GLN A 170 3.32 6.53 19.55
C GLN A 170 3.41 5.29 20.44
N ARG A 171 2.24 4.72 20.79
CA ARG A 171 2.21 3.51 21.61
C ARG A 171 2.75 2.30 20.86
N VAL A 172 2.49 2.25 19.56
CA VAL A 172 3.06 1.19 18.74
C VAL A 172 4.58 1.36 18.62
N ARG A 173 5.02 2.60 18.39
CA ARG A 173 6.44 2.93 18.37
C ARG A 173 7.14 2.49 19.66
N GLN A 174 6.53 2.81 20.82
CA GLN A 174 7.02 2.36 22.12
C GLN A 174 7.20 0.83 22.14
N GLU A 175 6.18 0.12 21.68
CA GLU A 175 6.18 -1.35 21.74
C GLU A 175 7.29 -1.93 20.83
N LEU A 176 7.42 -1.37 19.63
CA LEU A 176 8.48 -1.77 18.71
C LEU A 176 9.87 -1.57 19.30
N ASP A 177 10.07 -0.42 19.96
CA ASP A 177 11.36 -0.06 20.54
C ASP A 177 11.74 -1.01 21.69
N SER A 178 10.77 -1.27 22.56
CA SER A 178 10.98 -2.16 23.72
C SER A 178 11.17 -3.60 23.26
N TYR A 179 10.34 -4.04 22.30
CA TYR A 179 10.53 -5.36 21.72
C TYR A 179 11.96 -5.50 21.19
N SER A 180 12.41 -4.51 20.43
CA SER A 180 13.72 -4.56 19.80
C SER A 180 14.89 -4.56 20.81
N ALA A 181 14.76 -3.77 21.86
CA ALA A 181 15.81 -3.75 22.90
C ALA A 181 15.94 -5.13 23.54
N THR A 182 14.83 -5.83 23.71
CA THR A 182 14.84 -7.14 24.36
C THR A 182 15.29 -8.29 23.42
N TYR A 183 14.83 -8.26 22.16
CA TYR A 183 14.88 -9.43 21.26
C TYR A 183 15.54 -9.23 19.88
N ALA A 184 15.96 -8.01 19.57
CA ALA A 184 16.42 -7.73 18.20
C ALA A 184 17.70 -6.91 18.13
N ASN A 185 18.40 -6.79 19.26
CA ASN A 185 19.62 -5.98 19.34
C ASN A 185 19.46 -4.58 18.73
N GLY A 186 18.33 -3.94 18.98
CA GLY A 186 18.15 -2.56 18.58
C GLY A 186 17.76 -2.34 17.14
N TYR A 187 17.57 -3.43 16.39
CA TYR A 187 17.02 -3.34 15.02
C TYR A 187 15.84 -2.36 14.99
N HIS A 188 15.87 -1.41 14.05
CA HIS A 188 14.81 -0.42 13.94
C HIS A 188 13.64 -0.97 13.12
N PHE A 189 12.68 -1.60 13.79
CA PHE A 189 11.45 -1.98 13.10
C PHE A 189 10.68 -0.75 12.68
N GLN A 190 9.97 -0.85 11.57
CA GLN A 190 9.40 0.33 10.93
C GLN A 190 7.92 0.54 11.21
N LEU A 191 7.46 1.77 11.03
CA LEU A 191 6.07 2.13 11.29
C LEU A 191 5.63 3.11 10.22
N SER A 192 4.57 2.74 9.51
CA SER A 192 4.06 3.55 8.41
C SER A 192 2.54 3.63 8.43
N ILE A 193 2.01 4.51 7.60
CA ILE A 193 0.56 4.57 7.38
C ILE A 193 0.25 4.68 5.88
N ALA A 194 -0.95 4.24 5.51
CA ALA A 194 -1.53 4.66 4.24
C ALA A 194 -2.22 6.00 4.54
N ALA A 195 -1.97 6.99 3.70
CA ALA A 195 -2.48 8.35 3.93
C ALA A 195 -3.38 8.90 2.82
N PRO A 196 -4.40 9.70 3.20
CA PRO A 196 -5.37 10.22 2.24
C PRO A 196 -4.80 11.34 1.35
N ALA A 197 -5.21 11.33 0.08
CA ALA A 197 -4.92 12.44 -0.82
C ALA A 197 -6.12 13.39 -1.00
N GLY A 198 -7.23 13.06 -0.34
CA GLY A 198 -8.42 13.92 -0.30
C GLY A 198 -8.34 14.94 0.83
N PRO A 199 -8.45 16.25 0.50
CA PRO A 199 -8.38 17.29 1.56
C PRO A 199 -9.35 17.10 2.72
N SER A 200 -10.57 16.66 2.43
CA SER A 200 -11.56 16.47 3.50
C SER A 200 -11.06 15.48 4.55
N HIS A 201 -10.17 14.57 4.14
CA HIS A 201 -9.52 13.64 5.07
C HIS A 201 -8.16 14.15 5.59
N TYR A 202 -7.28 14.62 4.72
CA TYR A 202 -5.96 15.01 5.21
C TYR A 202 -5.98 16.25 6.09
N ASN A 203 -6.97 17.11 5.89
CA ASN A 203 -7.14 18.30 6.75
C ASN A 203 -7.53 17.97 8.19
N VAL A 204 -8.01 16.74 8.41
CA VAL A 204 -8.32 16.26 9.77
C VAL A 204 -7.05 15.82 10.49
N LEU A 205 -6.10 15.28 9.74
CA LEU A 205 -4.91 14.65 10.33
C LEU A 205 -3.94 15.64 10.98
N LYS A 206 -3.22 15.14 12.00
CA LYS A 206 -2.15 15.89 12.64
C LYS A 206 -0.87 15.63 11.84
N LEU A 207 -0.77 16.27 10.67
CA LEU A 207 0.27 15.86 9.70
C LEU A 207 1.68 16.00 10.23
N ALA A 208 2.00 17.14 10.85
CA ALA A 208 3.35 17.34 11.39
C ALA A 208 3.72 16.23 12.39
N GLN A 209 2.79 15.94 13.29
CA GLN A 209 3.02 14.94 14.32
C GLN A 209 3.20 13.53 13.71
N LEU A 210 2.41 13.23 12.67
CA LEU A 210 2.54 11.97 11.96
C LEU A 210 3.92 11.88 11.29
N GLY A 211 4.35 12.98 10.67
CA GLY A 211 5.67 13.02 10.02
C GLY A 211 6.82 12.78 10.98
N SER A 212 6.63 13.20 12.24
CA SER A 212 7.66 13.06 13.26
C SER A 212 7.76 11.61 13.75
N VAL A 213 6.61 10.98 13.99
CA VAL A 213 6.61 9.65 14.62
C VAL A 213 6.90 8.52 13.63
N LEU A 214 6.42 8.65 12.41
CA LEU A 214 6.46 7.56 11.41
C LEU A 214 7.74 7.49 10.60
N ASP A 215 8.06 6.29 10.11
CA ASP A 215 9.15 6.15 9.14
C ASP A 215 8.72 6.62 7.76
N ASN A 216 7.50 6.25 7.40
CA ASN A 216 6.99 6.54 6.07
C ASN A 216 5.50 6.81 6.05
N ILE A 217 5.12 7.69 5.13
CA ILE A 217 3.72 8.03 4.89
C ILE A 217 3.44 7.68 3.42
N ASN A 218 2.65 6.64 3.22
CA ASN A 218 2.35 6.13 1.87
C ASN A 218 1.11 6.82 1.36
N LEU A 219 1.29 7.76 0.44
CA LEU A 219 0.19 8.58 -0.04
C LEU A 219 -0.65 7.81 -1.05
N MET A 220 -1.94 7.68 -0.75
CA MET A 220 -2.85 6.97 -1.65
C MET A 220 -3.32 7.92 -2.77
N ALA A 221 -2.40 8.18 -3.69
CA ALA A 221 -2.61 9.09 -4.79
C ALA A 221 -3.33 8.41 -5.96
N TYR A 222 -4.51 7.88 -5.64
CA TYR A 222 -5.33 7.21 -6.63
C TYR A 222 -6.76 7.16 -6.12
N ASP A 223 -7.63 6.51 -6.91
CA ASP A 223 -9.07 6.48 -6.63
C ASP A 223 -9.70 7.87 -6.54
N TYR A 224 -9.19 8.83 -7.33
CA TYR A 224 -9.75 10.19 -7.36
C TYR A 224 -11.10 10.29 -8.07
N ALA A 225 -11.41 9.28 -8.87
CA ALA A 225 -12.66 9.27 -9.64
C ALA A 225 -13.22 7.86 -9.70
N GLY A 226 -14.54 7.78 -9.83
CA GLY A 226 -15.21 6.49 -9.93
C GLY A 226 -16.72 6.68 -9.92
N SER A 227 -17.44 5.62 -9.56
CA SER A 227 -18.92 5.62 -9.64
C SER A 227 -19.62 6.72 -8.84
N TRP A 228 -18.92 7.27 -7.84
CA TRP A 228 -19.49 8.27 -6.94
C TRP A 228 -19.51 9.67 -7.58
N ASP A 229 -18.91 9.80 -8.77
CA ASP A 229 -18.82 11.06 -9.52
C ASP A 229 -19.92 11.14 -10.56
N SER A 230 -20.42 12.35 -10.81
CA SER A 230 -21.43 12.58 -11.84
C SER A 230 -20.83 12.51 -13.25
N VAL A 231 -19.53 12.74 -13.34
CA VAL A 231 -18.83 12.70 -14.63
C VAL A 231 -17.53 11.91 -14.52
N SER A 232 -17.11 11.34 -15.65
CA SER A 232 -15.83 10.64 -15.74
C SER A 232 -14.67 11.55 -15.32
N GLY A 233 -13.60 10.93 -14.83
CA GLY A 233 -12.43 11.69 -14.42
C GLY A 233 -11.16 10.85 -14.31
N HIS A 234 -10.06 11.55 -14.08
CA HIS A 234 -8.74 10.95 -13.90
C HIS A 234 -8.65 10.51 -12.47
N GLN A 235 -8.28 9.25 -12.26
CA GLN A 235 -8.26 8.68 -10.91
C GLN A 235 -6.95 8.92 -10.17
N THR A 236 -5.92 9.36 -10.89
CA THR A 236 -4.57 9.39 -10.34
C THR A 236 -3.68 10.49 -10.96
N ASN A 237 -4.30 11.59 -11.37
CA ASN A 237 -3.60 12.67 -12.05
C ASN A 237 -2.67 13.46 -11.13
N LEU A 238 -1.53 13.89 -11.66
CA LEU A 238 -0.58 14.69 -10.88
C LEU A 238 -1.05 16.10 -10.57
N TYR A 239 -1.67 16.74 -11.56
CA TYR A 239 -1.98 18.17 -11.49
C TYR A 239 -3.44 18.46 -11.81
N PRO A 240 -3.98 19.56 -11.25
CA PRO A 240 -5.30 20.02 -11.69
C PRO A 240 -5.29 20.27 -13.21
N SER A 241 -6.37 19.90 -13.88
CA SER A 241 -6.58 20.30 -15.27
C SER A 241 -7.22 21.69 -15.31
N THR A 242 -6.53 22.66 -15.90
CA THR A 242 -7.14 23.99 -16.05
C THR A 242 -8.09 24.05 -17.23
N SER A 243 -7.84 23.22 -18.26
CA SER A 243 -8.67 23.24 -19.46
C SER A 243 -10.00 22.51 -19.26
N ASN A 244 -9.96 21.48 -18.41
CA ASN A 244 -11.08 20.60 -18.19
C ASN A 244 -11.11 20.18 -16.71
N PRO A 245 -11.35 21.14 -15.80
CA PRO A 245 -11.28 20.85 -14.35
C PRO A 245 -12.28 19.83 -13.81
N SER A 246 -13.38 19.57 -14.52
CA SER A 246 -14.33 18.55 -14.06
C SER A 246 -13.74 17.14 -14.17
N SER A 247 -12.65 17.01 -14.94
CA SER A 247 -11.95 15.73 -15.05
C SER A 247 -10.98 15.49 -13.89
N THR A 248 -10.71 16.52 -13.09
CA THR A 248 -9.74 16.44 -12.01
C THR A 248 -10.31 16.95 -10.67
N PRO A 249 -11.24 16.18 -10.06
CA PRO A 249 -11.75 16.59 -8.74
C PRO A 249 -10.67 16.64 -7.65
N PHE A 250 -9.60 15.86 -7.84
CA PHE A 250 -8.43 15.87 -6.95
C PHE A 250 -7.14 16.06 -7.75
N SER A 251 -6.02 16.19 -7.05
CA SER A 251 -4.71 16.16 -7.68
C SER A 251 -3.65 15.73 -6.68
N THR A 252 -2.68 14.97 -7.16
CA THR A 252 -1.56 14.60 -6.30
C THR A 252 -0.81 15.83 -5.79
N LYS A 253 -0.59 16.79 -6.68
CA LYS A 253 0.13 18.01 -6.33
C LYS A 253 -0.51 18.71 -5.13
N ALA A 254 -1.84 18.90 -5.13
CA ALA A 254 -2.48 19.59 -3.98
C ALA A 254 -2.16 18.85 -2.67
N ALA A 255 -2.19 17.53 -2.72
CA ALA A 255 -1.97 16.70 -1.55
C ALA A 255 -0.52 16.79 -1.08
N VAL A 256 0.42 16.51 -1.98
CA VAL A 256 1.84 16.55 -1.65
C VAL A 256 2.19 17.94 -1.09
N ASP A 257 1.77 19.00 -1.80
CA ASP A 257 2.02 20.37 -1.30
C ASP A 257 1.48 20.59 0.11
N ALA A 258 0.26 20.13 0.38
CA ALA A 258 -0.34 20.28 1.71
C ALA A 258 0.50 19.57 2.76
N TYR A 259 0.92 18.34 2.47
CA TYR A 259 1.70 17.55 3.44
C TYR A 259 3.06 18.19 3.73
N ILE A 260 3.76 18.61 2.68
CA ILE A 260 5.06 19.27 2.81
C ILE A 260 4.93 20.61 3.54
N ALA A 261 3.92 21.40 3.20
CA ALA A 261 3.69 22.70 3.85
C ALA A 261 3.39 22.53 5.33
N ALA A 262 2.79 21.40 5.68
CA ALA A 262 2.45 21.09 7.08
C ALA A 262 3.65 20.74 7.94
N GLY A 263 4.78 20.43 7.30
CA GLY A 263 6.00 20.06 8.00
C GLY A 263 6.33 18.57 7.95
N VAL A 264 5.65 17.85 7.07
CA VAL A 264 6.01 16.46 6.81
C VAL A 264 7.29 16.42 5.95
N PRO A 265 8.36 15.74 6.43
CA PRO A 265 9.57 15.68 5.58
C PRO A 265 9.25 15.02 4.25
N ALA A 266 9.59 15.69 3.14
CA ALA A 266 9.37 15.11 1.82
C ALA A 266 9.92 13.69 1.70
N SER A 267 11.07 13.41 2.32
CA SER A 267 11.71 12.11 2.19
C SER A 267 10.88 10.95 2.78
N LYS A 268 9.95 11.27 3.68
CA LYS A 268 9.09 10.27 4.29
C LYS A 268 7.82 10.04 3.48
N ILE A 269 7.58 10.89 2.48
CA ILE A 269 6.36 10.74 1.67
C ILE A 269 6.64 9.82 0.48
N ILE A 270 5.85 8.74 0.39
CA ILE A 270 5.99 7.74 -0.66
C ILE A 270 4.80 7.88 -1.60
N LEU A 271 5.08 7.94 -2.91
CA LEU A 271 4.02 8.23 -3.89
C LEU A 271 3.27 6.98 -4.37
N GLY A 272 2.02 6.85 -3.91
CA GLY A 272 1.16 5.74 -4.29
C GLY A 272 0.71 5.83 -5.73
N MET A 273 0.68 4.67 -6.40
CA MET A 273 0.25 4.58 -7.80
C MET A 273 -0.55 3.31 -8.02
N PRO A 274 -1.58 3.38 -8.88
CA PRO A 274 -2.47 2.23 -9.11
C PRO A 274 -1.94 1.24 -10.15
N ILE A 275 -2.11 -0.04 -9.86
CA ILE A 275 -1.85 -1.08 -10.85
C ILE A 275 -3.21 -1.63 -11.36
N TYR A 276 -4.09 -0.69 -11.68
CA TYR A 276 -5.44 -0.99 -12.15
C TYR A 276 -6.04 0.25 -12.81
N GLY A 277 -7.07 0.03 -13.62
CA GLY A 277 -7.81 1.13 -14.23
C GLY A 277 -9.22 1.25 -13.72
N ARG A 278 -9.70 2.49 -13.59
CA ARG A 278 -11.11 2.75 -13.27
C ARG A 278 -11.84 3.15 -14.55
N ALA A 279 -12.91 2.41 -14.88
CA ALA A 279 -13.60 2.56 -16.15
C ALA A 279 -14.84 3.43 -16.06
N PHE A 280 -15.08 4.17 -17.15
CA PHE A 280 -16.32 4.92 -17.35
C PHE A 280 -16.83 4.53 -18.75
N VAL A 281 -17.97 3.86 -18.79
CA VAL A 281 -18.52 3.27 -20.03
C VAL A 281 -19.69 4.10 -20.54
N GLY A 282 -19.66 4.41 -21.83
CA GLY A 282 -20.65 5.26 -22.46
C GLY A 282 -20.42 6.72 -22.10
N THR A 283 -19.23 7.22 -22.47
CA THR A 283 -18.81 8.57 -22.13
C THR A 283 -18.09 9.16 -23.33
N ASP A 284 -18.25 10.47 -23.52
CA ASP A 284 -17.58 11.23 -24.58
C ASP A 284 -16.09 11.50 -24.30
N GLY A 285 -15.67 11.26 -23.07
CA GLY A 285 -14.28 11.50 -22.68
C GLY A 285 -14.18 12.00 -21.24
N PRO A 286 -12.96 12.39 -20.81
CA PRO A 286 -12.77 12.88 -19.45
C PRO A 286 -13.72 14.06 -19.13
N GLY A 287 -14.29 14.06 -17.94
CA GLY A 287 -15.18 15.14 -17.50
C GLY A 287 -16.55 15.17 -18.17
N LYS A 288 -17.00 14.00 -18.63
CA LYS A 288 -18.32 13.80 -19.30
C LYS A 288 -19.20 12.99 -18.33
N PRO A 289 -20.55 13.11 -18.37
CA PRO A 289 -21.53 12.02 -18.43
C PRO A 289 -21.06 10.65 -18.85
N TYR A 290 -21.40 9.64 -18.04
CA TYR A 290 -21.13 8.24 -18.39
C TYR A 290 -22.31 7.34 -18.00
N SER A 291 -22.55 6.27 -18.76
CA SER A 291 -23.68 5.37 -18.51
C SER A 291 -23.50 4.49 -17.26
N THR A 292 -22.34 3.83 -17.20
CA THR A 292 -22.07 2.85 -16.15
C THR A 292 -20.55 2.68 -16.03
N ILE A 293 -20.09 2.21 -14.88
CA ILE A 293 -18.68 1.84 -14.74
C ILE A 293 -18.39 0.52 -15.48
N GLY A 294 -19.44 -0.24 -15.77
CA GLY A 294 -19.30 -1.48 -16.53
C GLY A 294 -18.71 -2.63 -15.72
N GLU A 295 -18.25 -3.65 -16.45
CA GLU A 295 -17.66 -4.85 -15.84
C GLU A 295 -16.25 -4.58 -15.36
N GLY A 296 -15.62 -5.60 -14.78
CA GLY A 296 -14.25 -5.49 -14.32
C GLY A 296 -13.51 -6.81 -14.23
N SER A 297 -12.25 -6.75 -13.79
CA SER A 297 -11.48 -7.99 -13.62
C SER A 297 -12.05 -8.82 -12.46
N TRP A 298 -12.25 -8.16 -11.31
CA TRP A 298 -12.70 -8.85 -10.09
C TRP A 298 -13.89 -8.16 -9.44
N GLU A 299 -14.05 -6.88 -9.73
CA GLU A 299 -15.26 -6.16 -9.36
C GLU A 299 -15.59 -5.15 -10.45
N SER A 300 -16.85 -4.74 -10.48
CA SER A 300 -17.35 -3.81 -11.49
C SER A 300 -16.49 -2.55 -11.61
N GLY A 301 -16.21 -2.17 -12.84
CA GLY A 301 -15.60 -0.87 -13.13
C GLY A 301 -14.11 -0.76 -12.82
N ILE A 302 -13.47 -1.86 -12.46
CA ILE A 302 -12.02 -1.83 -12.17
C ILE A 302 -11.33 -2.94 -12.94
N TRP A 303 -10.28 -2.58 -13.68
CA TRP A 303 -9.52 -3.55 -14.49
C TRP A 303 -8.07 -3.67 -14.03
N ASP A 304 -7.59 -4.90 -13.93
CA ASP A 304 -6.17 -5.16 -13.68
C ASP A 304 -5.34 -4.49 -14.75
N TYR A 305 -4.25 -3.82 -14.34
CA TYR A 305 -3.33 -3.22 -15.32
C TYR A 305 -2.89 -4.22 -16.40
N LYS A 306 -2.66 -5.47 -16.00
CA LYS A 306 -2.15 -6.46 -16.95
C LYS A 306 -3.07 -6.80 -18.14
N VAL A 307 -4.33 -6.36 -18.07
CA VAL A 307 -5.24 -6.50 -19.21
C VAL A 307 -5.47 -5.20 -19.98
N LEU A 308 -4.78 -4.13 -19.57
CA LEU A 308 -4.91 -2.83 -20.21
C LEU A 308 -3.66 -2.54 -21.05
N PRO A 309 -3.83 -1.84 -22.20
CA PRO A 309 -5.09 -1.38 -22.80
C PRO A 309 -5.78 -2.51 -23.55
N LYS A 310 -7.09 -2.38 -23.76
CA LYS A 310 -7.85 -3.38 -24.49
C LYS A 310 -7.81 -3.09 -25.99
N ALA A 311 -8.03 -4.13 -26.78
CA ALA A 311 -8.17 -3.96 -28.23
C ALA A 311 -9.23 -2.91 -28.50
N GLY A 312 -8.95 -2.02 -29.44
CA GLY A 312 -9.92 -0.98 -29.84
C GLY A 312 -9.78 0.32 -29.07
N ALA A 313 -8.96 0.32 -28.03
CA ALA A 313 -8.71 1.52 -27.22
C ALA A 313 -7.33 2.11 -27.55
N THR A 314 -7.26 3.44 -27.61
CA THR A 314 -5.99 4.15 -27.76
C THR A 314 -5.58 4.77 -26.43
N VAL A 315 -4.27 4.76 -26.17
CA VAL A 315 -3.73 5.32 -24.95
C VAL A 315 -3.47 6.81 -25.17
N ILE A 316 -4.06 7.62 -24.29
CA ILE A 316 -3.95 9.08 -24.38
C ILE A 316 -3.18 9.60 -23.18
N THR A 317 -2.27 10.54 -23.42
CA THR A 317 -1.54 11.24 -22.36
C THR A 317 -2.00 12.69 -22.26
N ASP A 318 -2.45 13.09 -21.08
CA ASP A 318 -2.72 14.50 -20.81
C ASP A 318 -1.55 15.01 -19.99
N SER A 319 -0.60 15.67 -20.65
CA SER A 319 0.62 16.12 -19.98
C SER A 319 0.40 17.26 -19.00
N ALA A 320 -0.64 18.07 -19.24
CA ALA A 320 -0.96 19.19 -18.35
C ALA A 320 -1.59 18.73 -17.03
N ALA A 321 -2.53 17.78 -17.12
CA ALA A 321 -3.09 17.12 -15.94
C ALA A 321 -2.12 16.10 -15.33
N GLY A 322 -1.18 15.60 -16.13
CA GLY A 322 -0.28 14.53 -15.68
C GLY A 322 -1.06 13.25 -15.43
N ALA A 323 -1.72 12.77 -16.48
CA ALA A 323 -2.55 11.57 -16.40
C ALA A 323 -2.51 10.83 -17.74
N THR A 324 -2.58 9.51 -17.69
CA THR A 324 -2.87 8.67 -18.87
C THR A 324 -4.23 8.00 -18.71
N TYR A 325 -4.80 7.63 -19.85
CA TYR A 325 -6.04 6.83 -19.89
C TYR A 325 -6.16 6.21 -21.28
N SER A 326 -6.89 5.10 -21.37
CA SER A 326 -7.27 4.56 -22.67
C SER A 326 -8.66 5.09 -23.02
N TYR A 327 -8.89 5.32 -24.30
CA TYR A 327 -10.22 5.65 -24.76
C TYR A 327 -10.54 4.85 -26.02
N ASP A 328 -11.69 4.18 -25.99
CA ASP A 328 -12.22 3.47 -27.16
C ASP A 328 -13.44 4.24 -27.67
N SER A 329 -13.30 4.89 -28.82
CA SER A 329 -14.35 5.77 -29.34
C SER A 329 -15.57 5.00 -29.88
N SER A 330 -15.39 3.73 -30.20
CA SER A 330 -16.53 2.90 -30.67
C SER A 330 -17.43 2.47 -29.50
N SER A 331 -16.82 2.05 -28.39
CA SER A 331 -17.59 1.66 -27.20
C SER A 331 -17.77 2.82 -26.25
N ARG A 332 -17.16 3.96 -26.59
CA ARG A 332 -17.20 5.18 -25.78
C ARG A 332 -16.82 4.87 -24.33
N THR A 333 -15.68 4.21 -24.17
CA THR A 333 -15.21 3.76 -22.87
C THR A 333 -13.86 4.39 -22.54
N MET A 334 -13.80 5.04 -21.37
CA MET A 334 -12.56 5.59 -20.85
C MET A 334 -12.11 4.72 -19.69
N ILE A 335 -10.81 4.40 -19.64
CA ILE A 335 -10.26 3.69 -18.50
C ILE A 335 -9.05 4.49 -17.98
N SER A 336 -9.15 4.94 -16.73
CA SER A 336 -8.13 5.78 -16.10
C SER A 336 -7.13 4.89 -15.36
N TYR A 337 -5.89 4.84 -15.86
CA TYR A 337 -4.86 3.98 -15.29
C TYR A 337 -3.50 4.56 -15.62
N ASP A 338 -2.46 4.02 -14.99
CA ASP A 338 -1.08 4.46 -15.22
C ASP A 338 -0.32 3.51 -16.17
N THR A 339 0.23 4.08 -17.24
CA THR A 339 1.12 3.38 -18.15
C THR A 339 2.55 3.41 -17.60
N PRO A 340 3.44 2.53 -18.11
CA PRO A 340 4.84 2.67 -17.73
C PRO A 340 5.39 4.09 -17.90
N ASP A 341 5.03 4.78 -18.99
CA ASP A 341 5.54 6.12 -19.16
C ASP A 341 4.98 7.31 -18.33
N MET A 342 3.76 7.04 -17.91
CA MET A 342 3.16 7.71 -16.77
C MET A 342 3.88 7.45 -15.41
N VAL A 343 4.24 6.19 -15.11
CA VAL A 343 5.02 5.92 -13.92
C VAL A 343 6.36 6.66 -13.97
N ARG A 344 7.04 6.62 -15.11
CA ARG A 344 8.27 7.42 -15.30
C ARG A 344 8.07 8.90 -15.04
N THR A 345 6.97 9.46 -15.55
CA THR A 345 6.65 10.87 -15.35
C THR A 345 6.41 11.19 -13.87
N LYS A 346 5.74 10.26 -13.19
CA LYS A 346 5.41 10.44 -11.79
C LYS A 346 6.67 10.38 -10.91
N VAL A 347 7.57 9.45 -11.23
CA VAL A 347 8.85 9.35 -10.51
C VAL A 347 9.69 10.62 -10.70
N SER A 348 9.67 11.16 -11.92
CA SER A 348 10.39 12.38 -12.22
C SER A 348 9.82 13.53 -11.39
N TYR A 349 8.50 13.61 -11.30
CA TYR A 349 7.85 14.59 -10.42
C TYR A 349 8.28 14.39 -8.96
N ALA A 350 8.22 13.15 -8.49
CA ALA A 350 8.60 12.81 -7.11
C ALA A 350 10.06 13.18 -6.79
N LYS A 351 10.96 12.89 -7.74
CA LYS A 351 12.38 13.23 -7.58
C LYS A 351 12.56 14.74 -7.38
N GLY A 352 11.83 15.54 -8.17
CA GLY A 352 11.90 17.00 -8.09
C GLY A 352 11.53 17.51 -6.71
N LEU A 353 10.63 16.80 -6.04
CA LEU A 353 10.17 17.19 -4.72
C LEU A 353 10.95 16.51 -3.58
N GLY A 354 11.81 15.56 -3.93
CA GLY A 354 12.58 14.78 -2.95
C GLY A 354 11.75 13.80 -2.13
N LEU A 355 10.69 13.27 -2.73
CA LEU A 355 9.88 12.24 -2.07
C LEU A 355 10.72 10.97 -1.91
N GLY A 356 10.32 10.07 -0.99
CA GLY A 356 11.19 8.96 -0.62
C GLY A 356 11.15 7.76 -1.55
N GLY A 357 10.16 7.74 -2.44
CA GLY A 357 9.98 6.62 -3.34
C GLY A 357 8.57 6.46 -3.85
N SER A 358 8.26 5.21 -4.24
CA SER A 358 6.99 4.83 -4.86
C SER A 358 6.29 3.75 -4.07
N MET A 359 4.96 3.71 -4.18
CA MET A 359 4.14 2.65 -3.62
C MET A 359 3.10 2.23 -4.65
N PHE A 360 2.71 0.95 -4.60
CA PHE A 360 1.73 0.42 -5.53
C PHE A 360 0.66 -0.41 -4.86
N TRP A 361 -0.58 -0.26 -5.35
CA TRP A 361 -1.68 -1.18 -5.07
C TRP A 361 -2.17 -1.71 -6.40
N GLU A 362 -2.12 -3.01 -6.68
CA GLU A 362 -1.49 -4.05 -5.83
C GLU A 362 -0.72 -5.02 -6.73
N ALA A 363 0.03 -5.93 -6.12
CA ALA A 363 1.02 -6.74 -6.84
C ALA A 363 0.49 -7.58 -7.97
N SER A 364 -0.66 -8.23 -7.74
CA SER A 364 -1.07 -9.34 -8.58
C SER A 364 -1.39 -8.88 -10.01
N ALA A 365 -1.78 -7.61 -10.14
CA ALA A 365 -2.28 -7.08 -11.42
C ALA A 365 -1.17 -6.60 -12.34
N ASP A 366 0.09 -6.68 -11.91
CA ASP A 366 1.16 -6.07 -12.69
C ASP A 366 1.51 -6.89 -13.95
N LYS A 367 1.99 -6.21 -14.98
CA LYS A 367 2.60 -6.90 -16.11
C LYS A 367 3.99 -7.39 -15.71
N THR A 368 4.54 -8.27 -16.55
CA THR A 368 5.89 -8.83 -16.42
C THR A 368 6.88 -8.10 -17.35
N GLY A 369 8.17 -8.37 -17.15
CA GLY A 369 9.23 -7.71 -17.91
C GLY A 369 9.22 -6.21 -17.74
N SER A 370 9.68 -5.51 -18.77
CA SER A 370 9.88 -4.07 -18.68
C SER A 370 8.60 -3.26 -18.51
N ASP A 371 7.47 -3.82 -18.98
CA ASP A 371 6.17 -3.17 -18.82
C ASP A 371 5.57 -3.30 -17.40
N SER A 372 6.27 -4.01 -16.52
CA SER A 372 5.95 -3.97 -15.10
C SER A 372 5.98 -2.53 -14.59
N LEU A 373 4.92 -2.10 -13.90
CA LEU A 373 4.94 -0.76 -13.28
C LEU A 373 5.90 -0.71 -12.10
N ILE A 374 5.94 -1.81 -11.33
CA ILE A 374 6.87 -1.97 -10.21
C ILE A 374 8.34 -1.90 -10.71
N GLY A 375 8.65 -2.61 -11.78
CA GLY A 375 9.99 -2.55 -12.37
C GLY A 375 10.32 -1.19 -13.00
N THR A 376 9.35 -0.64 -13.75
CA THR A 376 9.51 0.71 -14.33
C THR A 376 9.84 1.75 -13.26
N ALA A 377 9.11 1.72 -12.14
CA ALA A 377 9.35 2.66 -11.05
C ALA A 377 10.78 2.56 -10.53
N LEU A 378 11.24 1.34 -10.26
CA LEU A 378 12.61 1.18 -9.76
C LEU A 378 13.64 1.66 -10.78
N SER A 379 13.50 1.26 -12.04
CA SER A 379 14.37 1.75 -13.13
C SER A 379 14.46 3.29 -13.16
N SER A 380 13.31 3.94 -13.03
CA SER A 380 13.24 5.40 -13.00
C SER A 380 13.85 5.98 -11.75
N MET A 381 13.66 5.29 -10.62
CA MET A 381 14.15 5.79 -9.33
C MET A 381 15.67 5.66 -9.14
N GLY A 382 16.20 4.60 -9.70
CA GLY A 382 17.61 4.31 -9.61
C GLY A 382 17.72 3.15 -8.66
N SER A 383 18.48 3.34 -7.64
CA SER A 383 18.85 2.17 -6.84
C SER A 383 17.82 1.95 -5.71
N HIS A 384 17.74 0.71 -5.23
CA HIS A 384 16.77 0.29 -4.25
C HIS A 384 17.24 0.61 -2.82
N ASP A 385 16.32 1.10 -2.00
CA ASP A 385 16.54 1.33 -0.56
C ASP A 385 17.43 0.24 0.03
N SER A 386 18.57 0.66 0.57
CA SER A 386 19.59 -0.29 1.03
C SER A 386 19.32 -0.82 2.44
N THR A 387 18.33 -0.23 3.12
CA THR A 387 17.98 -0.62 4.49
C THR A 387 17.77 -2.13 4.56
N GLN A 388 18.51 -2.79 5.45
CA GLN A 388 18.46 -4.26 5.55
C GLN A 388 17.27 -4.70 6.38
N ASN A 389 16.67 -5.84 6.00
CA ASN A 389 15.62 -6.44 6.82
C ASN A 389 16.23 -7.15 8.05
N CYS A 390 15.35 -7.73 8.87
CA CYS A 390 15.74 -8.44 10.08
C CYS A 390 15.52 -9.94 9.86
N LEU A 391 16.49 -10.76 10.23
CA LEU A 391 16.38 -12.22 10.10
C LEU A 391 16.55 -12.92 11.47
N SER A 392 16.28 -12.18 12.54
CA SER A 392 16.45 -12.69 13.89
C SER A 392 15.17 -12.50 14.71
N TYR A 393 14.48 -13.61 15.00
CA TYR A 393 13.19 -13.60 15.71
C TYR A 393 13.18 -14.62 16.85
N PRO A 394 14.02 -14.37 17.89
CA PRO A 394 14.22 -15.39 18.93
C PRO A 394 13.00 -15.62 19.82
N ASN A 395 12.00 -14.75 19.73
CA ASN A 395 10.79 -14.87 20.57
C ASN A 395 9.59 -15.38 19.75
N SER A 396 9.84 -15.81 18.51
CA SER A 396 8.74 -16.31 17.68
C SER A 396 8.18 -17.59 18.24
N LYS A 397 6.86 -17.67 18.30
CA LYS A 397 6.17 -18.88 18.73
C LYS A 397 6.26 -20.00 17.68
N PHE A 398 6.68 -19.63 16.46
CA PHE A 398 6.93 -20.61 15.38
C PHE A 398 8.39 -21.03 15.30
N ASP A 399 8.64 -22.32 15.50
CA ASP A 399 10.00 -22.85 15.55
C ASP A 399 10.79 -22.61 14.26
N ASN A 400 10.15 -22.79 13.11
CA ASN A 400 10.84 -22.53 11.85
C ASN A 400 11.21 -21.05 11.64
N ILE A 401 10.34 -20.14 12.09
CA ILE A 401 10.66 -18.72 12.03
C ILE A 401 11.78 -18.36 13.00
N LYS A 402 11.75 -18.95 14.20
CA LYS A 402 12.81 -18.63 15.18
C LYS A 402 14.17 -19.12 14.70
N ASN A 403 14.16 -20.19 13.89
CA ASN A 403 15.37 -20.74 13.30
C ASN A 403 15.67 -20.19 11.90
N SER A 404 14.96 -19.14 11.51
CA SER A 404 15.16 -18.47 10.22
C SER A 404 15.15 -19.46 9.04
N LEU A 405 14.25 -20.45 9.13
CA LEU A 405 14.08 -21.50 8.11
C LEU A 405 15.39 -22.22 7.76
N SER A 406 16.30 -22.30 8.72
CA SER A 406 17.64 -22.88 8.48
C SER A 406 17.70 -24.36 8.79
#